data_2AOH
#
_entry.id   2AOH
#
_cell.length_a   58.882
_cell.length_b   86.283
_cell.length_c   46.404
_cell.angle_alpha   90.00
_cell.angle_beta   90.00
_cell.angle_gamma   90.00
#
_symmetry.space_group_name_H-M   'P 21 21 2'
#
loop_
_entity.id
_entity.type
_entity.pdbx_description
1 polymer 'POL POLYPROTEIN'
2 polymer 'PEPTIDE INHIBITOR'
3 non-polymer 'SODIUM ION'
4 non-polymer 'CHLORIDE ION'
5 water water
#
loop_
_entity_poly.entity_id
_entity_poly.type
_entity_poly.pdbx_seq_one_letter_code
_entity_poly.pdbx_strand_id
1 'polypeptide(L)'
;PQITLWKRPLVTIKIGGQLKEALLDTGADDTVIEEMSLPGRWKPKMIGGIGGFIKVRQYDQIIIEIAGHKAIGTVLVGPT
PANIIGRNLLTQIGATLNF
;
A,B
2 'polypeptide(L)' VSFN(FRD)PQITA C
#
# COMPACT_ATOMS: atom_id res chain seq x y z
N PRO A 1 14.81 -9.07 -9.04
CA PRO A 1 13.92 -8.83 -10.17
C PRO A 1 13.46 -7.37 -10.31
N GLN A 2 13.03 -7.00 -11.52
CA GLN A 2 12.29 -5.75 -11.72
C GLN A 2 10.82 -6.13 -11.87
N ILE A 3 9.95 -5.60 -11.04
CA ILE A 3 8.53 -5.96 -11.10
C ILE A 3 7.73 -4.74 -11.54
N THR A 4 6.99 -4.87 -12.63
CA THR A 4 6.11 -3.83 -13.12
C THR A 4 4.82 -3.87 -12.34
N LEU A 5 4.07 -2.83 -12.60
CA LEU A 5 2.88 -2.60 -11.74
C LEU A 5 1.60 -2.65 -12.52
N TRP A 6 1.62 -3.26 -13.71
CA TRP A 6 0.43 -3.46 -14.48
C TRP A 6 -0.57 -4.34 -13.73
N LYS A 7 -0.09 -5.28 -12.90
CA LYS A 7 -0.96 -6.09 -12.06
C LYS A 7 -0.45 -6.00 -10.64
N ARG A 8 -1.21 -6.49 -9.67
CA ARG A 8 -0.75 -6.47 -8.29
C ARG A 8 0.56 -7.22 -8.11
N PRO A 9 1.54 -6.65 -7.43
CA PRO A 9 2.86 -7.31 -7.28
C PRO A 9 2.84 -8.36 -6.19
N LEU A 10 2.35 -9.54 -6.54
CA LEU A 10 2.28 -10.65 -5.62
C LEU A 10 3.51 -11.54 -5.79
N VAL A 11 3.98 -12.02 -4.64
CA VAL A 11 5.08 -12.95 -4.59
C VAL A 11 4.78 -14.09 -3.63
N THR A 12 5.56 -15.17 -3.82
CA THR A 12 5.54 -16.23 -2.79
C THR A 12 6.49 -15.95 -1.64
N ILE A 13 5.93 -16.24 -0.46
CA ILE A 13 6.70 -16.12 0.78
C ILE A 13 6.66 -17.45 1.54
N LYS A 14 7.69 -17.67 2.33
CA LYS A 14 7.69 -18.76 3.29
C LYS A 14 7.74 -18.13 4.69
N ILE A 15 6.77 -18.52 5.52
CA ILE A 15 6.70 -17.98 6.90
C ILE A 15 6.11 -19.03 7.83
N GLY A 16 6.70 -19.24 9.01
CA GLY A 16 6.12 -20.27 9.88
C GLY A 16 6.03 -21.64 9.24
N GLY A 17 6.92 -21.95 8.29
CA GLY A 17 6.96 -23.24 7.62
C GLY A 17 5.90 -23.39 6.53
N GLN A 18 5.14 -22.35 6.24
CA GLN A 18 4.03 -22.33 5.31
C GLN A 18 4.33 -21.53 4.06
N LEU A 19 3.87 -21.95 2.90
CA LEU A 19 4.00 -21.06 1.75
C LEU A 19 2.75 -20.20 1.60
N LYS A 20 2.87 -18.91 1.35
CA LYS A 20 1.73 -18.02 1.17
C LYS A 20 2.02 -17.07 -0.01
N GLU A 21 0.96 -16.49 -0.59
CA GLU A 21 1.03 -15.38 -1.52
C GLU A 21 0.92 -14.06 -0.76
N ALA A 22 1.75 -13.06 -1.06
CA ALA A 22 1.67 -11.77 -0.35
C ALA A 22 1.96 -10.65 -1.35
N LEU A 23 1.38 -9.51 -1.05
CA LEU A 23 1.45 -8.30 -1.87
C LEU A 23 2.63 -7.45 -1.45
N LEU A 24 3.57 -7.08 -2.30
CA LEU A 24 4.64 -6.13 -1.94
C LEU A 24 4.04 -4.74 -1.85
N ASP A 25 4.02 -4.16 -0.64
CA ASP A 25 3.20 -2.96 -0.43
C ASP A 25 4.00 -1.80 0.12
N THR A 26 4.37 -0.86 -0.77
CA THR A 26 5.24 0.21 -0.34
C THR A 26 4.45 1.19 0.54
N GLY A 27 3.11 1.13 0.49
CA GLY A 27 2.29 1.99 1.34
C GLY A 27 1.94 1.34 2.67
N ALA A 28 2.62 0.27 3.04
CA ALA A 28 2.40 -0.36 4.35
C ALA A 28 3.66 -0.20 5.18
N ASP A 29 3.47 0.33 6.40
CA ASP A 29 4.59 0.38 7.35
C ASP A 29 5.06 -1.01 7.77
N ASP A 30 4.11 -1.94 7.91
CA ASP A 30 4.30 -3.20 8.55
C ASP A 30 3.91 -4.37 7.64
N THR A 31 4.26 -5.57 8.08
CA THR A 31 3.97 -6.81 7.35
C THR A 31 2.78 -7.43 8.06
N VAL A 32 1.69 -7.71 7.35
CA VAL A 32 0.44 -8.15 7.95
C VAL A 32 -0.05 -9.40 7.23
N ILE A 33 -0.20 -10.50 7.97
CA ILE A 33 -0.62 -11.78 7.42
C ILE A 33 -1.92 -12.27 8.04
N GLU A 34 -2.70 -12.98 7.25
CA GLU A 34 -3.92 -13.61 7.68
C GLU A 34 -3.64 -14.61 8.81
N GLU A 35 -4.69 -14.97 9.52
CA GLU A 35 -4.52 -15.82 10.70
C GLU A 35 -3.72 -17.09 10.41
N MET A 36 -2.73 -17.26 11.28
CA MET A 36 -1.83 -18.40 11.25
C MET A 36 -1.13 -18.48 12.61
N SER A 37 -0.56 -19.61 13.00
CA SER A 37 0.23 -19.64 14.23
C SER A 37 1.69 -19.26 13.95
N LEU A 38 2.27 -18.53 14.90
CA LEU A 38 3.69 -18.25 14.83
C LEU A 38 4.27 -18.56 16.20
N PRO A 39 5.54 -18.95 16.28
CA PRO A 39 6.14 -19.29 17.58
C PRO A 39 6.53 -18.01 18.34
N GLY A 40 6.56 -18.11 19.67
CA GLY A 40 7.06 -17.11 20.55
C GLY A 40 6.02 -16.18 21.15
N ARG A 41 6.52 -15.10 21.74
CA ARG A 41 5.53 -14.24 22.40
C ARG A 41 4.96 -13.26 21.39
N TRP A 42 3.82 -12.71 21.80
CA TRP A 42 3.21 -11.66 21.00
C TRP A 42 2.51 -10.65 21.92
N LYS A 43 2.23 -9.50 21.32
CA LYS A 43 1.43 -8.51 22.04
C LYS A 43 0.36 -7.91 21.15
N PRO A 44 -0.74 -7.42 21.67
CA PRO A 44 -1.75 -6.82 20.82
C PRO A 44 -1.37 -5.45 20.30
N LYS A 45 -1.95 -5.13 19.13
CA LYS A 45 -1.69 -3.90 18.39
C LYS A 45 -2.90 -3.50 17.55
N MET A 46 -3.10 -2.19 17.43
CA MET A 46 -4.10 -1.70 16.47
C MET A 46 -3.39 -1.06 15.28
N ILE A 47 -3.81 -1.43 14.09
CA ILE A 47 -3.20 -0.80 12.91
C ILE A 47 -4.31 -0.24 12.05
N GLY A 48 -3.97 0.83 11.32
CA GLY A 48 -4.93 1.45 10.46
C GLY A 48 -4.67 1.18 9.00
N GLY A 49 -5.75 1.40 8.27
CA GLY A 49 -5.73 1.23 6.82
C GLY A 49 -6.86 2.04 6.20
N ILE A 50 -7.15 1.86 4.92
CA ILE A 50 -8.24 2.63 4.29
C ILE A 50 -9.56 2.66 5.01
C ILE A 50 -9.45 2.12 5.05
N GLY A 51 -10.03 1.55 5.57
N GLY A 51 -10.60 2.65 5.48
CA GLY A 51 -11.38 1.55 6.13
C GLY A 51 -11.37 1.69 7.63
N GLY A 52 -10.24 2.05 8.23
CA GLY A 52 -10.22 2.13 9.70
C GLY A 52 -9.16 1.19 10.26
N PHE A 53 -9.40 0.74 11.48
CA PHE A 53 -8.42 -0.04 12.24
C PHE A 53 -8.82 -1.49 12.44
N ILE A 54 -7.80 -2.31 12.57
CA ILE A 54 -8.03 -3.70 12.95
C ILE A 54 -7.05 -4.02 14.09
N LYS A 55 -7.41 -5.01 14.89
CA LYS A 55 -6.58 -5.51 15.95
C LYS A 55 -5.79 -6.70 15.47
N VAL A 56 -4.50 -6.67 15.74
CA VAL A 56 -3.61 -7.75 15.33
C VAL A 56 -2.74 -8.24 16.47
N ARG A 57 -2.08 -9.38 16.25
CA ARG A 57 -1.06 -9.87 17.18
C ARG A 57 0.31 -9.56 16.60
N GLN A 58 1.16 -8.90 17.42
CA GLN A 58 2.51 -8.57 16.97
C GLN A 58 3.56 -9.59 17.45
N TYR A 59 4.21 -10.24 16.50
CA TYR A 59 5.29 -11.19 16.76
C TYR A 59 6.60 -10.58 16.27
N ASP A 60 7.59 -10.57 17.15
CA ASP A 60 8.88 -9.96 16.78
C ASP A 60 9.87 -11.08 16.39
N GLN A 61 10.88 -10.68 15.63
CA GLN A 61 12.01 -11.51 15.21
C GLN A 61 11.52 -12.81 14.57
N ILE A 62 10.74 -12.60 13.51
CA ILE A 62 10.23 -13.71 12.72
C ILE A 62 10.99 -13.75 11.40
N ILE A 63 11.49 -14.92 11.07
CA ILE A 63 12.23 -15.09 9.83
C ILE A 63 11.25 -15.36 8.70
N ILE A 64 11.47 -14.74 7.57
CA ILE A 64 10.59 -14.93 6.43
C ILE A 64 11.46 -15.06 5.19
N GLU A 65 10.98 -15.76 4.18
CA GLU A 65 11.68 -15.68 2.90
C GLU A 65 10.78 -15.08 1.84
N ILE A 66 11.25 -13.99 1.20
CA ILE A 66 10.35 -13.28 0.29
C ILE A 66 10.91 -13.46 -1.10
N ALA A 67 10.15 -14.16 -1.95
CA ALA A 67 10.62 -14.42 -3.31
C ALA A 67 12.07 -14.85 -3.31
N GLY A 68 12.46 -15.75 -2.41
CA GLY A 68 13.87 -16.19 -2.47
C GLY A 68 14.79 -15.53 -1.49
N HIS A 69 14.38 -14.41 -0.92
CA HIS A 69 15.26 -13.54 -0.14
C HIS A 69 15.00 -13.60 1.35
N LYS A 70 15.93 -14.04 2.18
CA LYS A 70 15.73 -14.14 3.61
C LYS A 70 15.73 -12.79 4.32
N ALA A 71 14.85 -12.70 5.33
CA ALA A 71 14.93 -11.49 6.16
C ALA A 71 14.36 -11.84 7.53
N ILE A 72 14.48 -10.92 8.47
CA ILE A 72 13.93 -11.12 9.81
C ILE A 72 13.25 -9.81 10.24
N GLY A 73 12.08 -9.92 10.89
CA GLY A 73 11.51 -8.66 11.38
C GLY A 73 10.20 -8.99 12.07
N THR A 74 9.45 -7.95 12.39
CA THR A 74 8.17 -8.12 13.06
C THR A 74 7.10 -8.51 12.03
N VAL A 75 6.20 -9.41 12.43
CA VAL A 75 5.09 -9.80 11.59
C VAL A 75 3.81 -9.66 12.39
N LEU A 76 2.83 -9.02 11.79
CA LEU A 76 1.53 -8.81 12.44
C LEU A 76 0.55 -9.83 11.88
N VAL A 77 -0.21 -10.49 12.72
CA VAL A 77 -1.17 -11.50 12.31
C VAL A 77 -2.58 -11.08 12.71
N GLY A 78 -3.52 -11.10 11.76
CA GLY A 78 -4.89 -10.67 12.08
C GLY A 78 -5.74 -10.63 10.81
N PRO A 79 -6.92 -10.06 10.95
CA PRO A 79 -7.96 -10.15 9.88
C PRO A 79 -7.73 -9.16 8.76
N THR A 80 -6.56 -9.23 8.14
CA THR A 80 -6.30 -8.44 6.93
C THR A 80 -6.94 -9.07 5.70
N PRO A 81 -7.52 -8.30 4.79
CA PRO A 81 -8.04 -8.87 3.56
C PRO A 81 -7.00 -9.32 2.55
N ALA A 82 -5.74 -8.96 2.71
CA ALA A 82 -4.63 -9.38 1.90
C ALA A 82 -3.37 -9.55 2.76
N ASN A 83 -2.63 -10.63 2.55
CA ASN A 83 -1.27 -10.71 3.10
C ASN A 83 -0.40 -9.65 2.47
N ILE A 84 0.31 -8.87 3.29
CA ILE A 84 1.10 -7.79 2.70
C ILE A 84 2.50 -7.86 3.31
N ILE A 85 3.49 -7.60 2.48
CA ILE A 85 4.88 -7.36 2.90
C ILE A 85 5.10 -5.85 2.90
N GLY A 86 5.26 -5.29 4.09
CA GLY A 86 5.39 -3.83 4.19
C GLY A 86 6.84 -3.42 4.30
N ARG A 87 7.06 -2.14 4.56
CA ARG A 87 8.41 -1.58 4.42
C ARG A 87 9.38 -2.20 5.41
N ASN A 88 8.90 -2.64 6.58
CA ASN A 88 9.86 -3.18 7.56
C ASN A 88 10.62 -4.38 7.02
N LEU A 89 10.04 -5.11 6.07
CA LEU A 89 10.78 -6.23 5.46
C LEU A 89 11.21 -5.92 4.06
N LEU A 90 10.50 -5.03 3.35
CA LEU A 90 10.97 -4.65 2.01
C LEU A 90 12.35 -4.02 2.07
N THR A 91 12.64 -3.25 3.12
CA THR A 91 14.02 -2.71 3.15
C THR A 91 15.09 -3.78 3.19
N GLN A 92 14.77 -4.87 3.92
CA GLN A 92 15.77 -5.90 4.21
C GLN A 92 16.13 -6.72 2.97
N ILE A 93 15.18 -6.76 2.03
CA ILE A 93 15.52 -7.44 0.78
C ILE A 93 16.01 -6.49 -0.29
N GLY A 94 16.22 -5.22 0.10
CA GLY A 94 16.80 -4.24 -0.80
C GLY A 94 15.81 -3.68 -1.80
N ALA A 95 14.49 -3.75 -1.52
CA ALA A 95 13.54 -3.27 -2.52
C ALA A 95 13.49 -1.75 -2.62
N THR A 96 13.41 -1.23 -3.84
CA THR A 96 13.30 0.18 -4.12
C THR A 96 12.23 0.40 -5.18
N LEU A 97 11.67 1.60 -5.12
CA LEU A 97 10.78 2.07 -6.16
C LEU A 97 11.59 2.90 -7.16
N ASN A 98 11.40 2.61 -8.44
CA ASN A 98 12.23 3.37 -9.40
C ASN A 98 11.38 3.95 -10.54
N PHE A 99 11.60 5.24 -10.85
CA PHE A 99 10.94 5.83 -12.00
C PHE A 99 11.80 7.00 -12.48
N PRO B 1 13.81 8.76 -10.09
CA PRO B 1 14.59 8.54 -8.89
C PRO B 1 14.56 7.06 -8.46
N GLN B 2 15.44 6.76 -7.52
CA GLN B 2 15.37 5.49 -6.84
C GLN B 2 14.99 5.73 -5.38
N ILE B 3 13.87 5.19 -4.92
CA ILE B 3 13.37 5.51 -3.59
C ILE B 3 13.48 4.29 -2.70
N THR B 4 14.27 4.42 -1.63
CA THR B 4 14.37 3.34 -0.65
C THR B 4 13.15 3.43 0.29
N LEU B 5 13.04 2.42 1.14
CA LEU B 5 11.81 2.31 1.94
C LEU B 5 12.00 2.37 3.44
N TRP B 6 13.12 2.94 3.87
CA TRP B 6 13.40 3.13 5.30
C TRP B 6 12.42 4.13 5.91
N LYS B 7 11.94 5.07 5.10
CA LYS B 7 10.87 5.97 5.47
C LYS B 7 9.66 5.83 4.52
N ARG B 8 8.49 6.37 4.86
CA ARG B 8 7.33 6.30 3.94
C ARG B 8 7.73 6.97 2.64
N PRO B 9 7.41 6.38 1.50
CA PRO B 9 7.68 7.03 0.20
C PRO B 9 6.68 8.13 -0.14
N LEU B 10 6.88 9.26 0.53
CA LEU B 10 6.06 10.43 0.36
C LEU B 10 6.65 11.32 -0.72
N VAL B 11 5.77 11.79 -1.60
CA VAL B 11 6.23 12.70 -2.65
C VAL B 11 5.29 13.88 -2.76
N THR B 12 5.70 14.97 -3.39
CA THR B 12 4.75 16.04 -3.67
C THR B 12 4.00 15.76 -4.97
N ILE B 13 2.69 16.02 -4.95
CA ILE B 13 1.82 15.91 -6.12
C ILE B 13 1.22 17.28 -6.38
N LYS B 14 0.80 17.50 -7.61
CA LYS B 14 0.10 18.74 -7.95
C LYS B 14 -1.21 18.36 -8.64
N ILE B 15 -2.29 18.88 -8.06
CA ILE B 15 -3.62 18.56 -8.61
C ILE B 15 -4.44 19.82 -8.41
N GLY B 16 -5.21 20.27 -9.39
CA GLY B 16 -6.03 21.46 -9.27
C GLY B 16 -5.20 22.67 -8.84
N GLY B 17 -3.95 22.74 -9.31
CA GLY B 17 -3.10 23.93 -9.07
C GLY B 17 -2.45 23.97 -7.71
N GLN B 18 -2.70 22.93 -6.90
CA GLN B 18 -2.20 23.00 -5.54
C GLN B 18 -1.26 21.83 -5.27
N LEU B 19 -0.30 22.08 -4.40
CA LEU B 19 0.63 21.02 -4.04
C LEU B 19 0.12 20.22 -2.83
N LYS B 20 0.22 18.91 -2.85
CA LYS B 20 -0.19 18.07 -1.71
C LYS B 20 0.90 17.03 -1.52
N GLU B 21 0.91 16.38 -0.36
CA GLU B 21 1.78 15.25 -0.13
C GLU B 21 1.03 13.94 -0.35
N ALA B 22 1.63 12.94 -0.96
CA ALA B 22 0.95 11.64 -1.13
C ALA B 22 1.95 10.49 -1.04
N LEU B 23 1.41 9.34 -0.74
CA LEU B 23 2.19 8.12 -0.53
C LEU B 23 2.23 7.23 -1.76
N LEU B 24 3.43 6.89 -2.28
CA LEU B 24 3.46 5.94 -3.40
C LEU B 24 3.18 4.53 -2.94
N ASP B 25 2.10 3.89 -3.39
CA ASP B 25 1.58 2.64 -2.81
C ASP B 25 1.39 1.54 -3.82
N THR B 26 2.38 0.64 -3.87
CA THR B 26 2.27 -0.47 -4.81
C THR B 26 1.17 -1.42 -4.45
N GLY B 27 0.65 -1.38 -3.22
CA GLY B 27 -0.47 -2.21 -2.77
C GLY B 27 -1.81 -1.58 -3.05
N ALA B 28 -1.91 -0.45 -3.76
CA ALA B 28 -3.18 0.21 -4.05
C ALA B 28 -3.43 0.08 -5.55
N ASP B 29 -4.62 -0.43 -5.92
CA ASP B 29 -4.97 -0.51 -7.33
C ASP B 29 -5.16 0.88 -7.90
N ASP B 30 -5.71 1.77 -7.06
CA ASP B 30 -6.20 3.07 -7.49
C ASP B 30 -5.54 4.23 -6.73
N THR B 31 -5.84 5.44 -7.11
CA THR B 31 -5.34 6.64 -6.44
C THR B 31 -6.46 7.31 -5.67
N VAL B 32 -6.24 7.59 -4.40
CA VAL B 32 -7.27 8.07 -3.52
C VAL B 32 -6.75 9.29 -2.77
N ILE B 33 -7.47 10.42 -2.84
CA ILE B 33 -7.07 11.68 -2.22
C ILE B 33 -8.17 12.17 -1.28
N GLU B 34 -7.71 12.90 -0.27
CA GLU B 34 -8.57 13.48 0.72
C GLU B 34 -9.56 14.45 0.07
N GLU B 35 -10.70 14.72 0.74
CA GLU B 35 -11.72 15.64 0.26
C GLU B 35 -11.11 16.89 -0.41
N MET B 36 -11.49 17.19 -1.63
CA MET B 36 -11.07 18.36 -2.38
C MET B 36 -12.09 18.56 -3.51
N SER B 37 -12.09 19.74 -4.15
CA SER B 37 -12.98 19.94 -5.28
C SER B 37 -12.27 19.56 -6.58
N LEU B 38 -12.96 18.86 -7.48
CA LEU B 38 -12.41 18.53 -8.78
C LEU B 38 -13.52 18.81 -9.80
N PRO B 39 -13.14 19.13 -11.03
CA PRO B 39 -14.13 19.56 -12.02
C PRO B 39 -14.84 18.35 -12.59
N GLY B 40 -16.04 18.59 -13.10
CA GLY B 40 -16.75 17.63 -13.88
C GLY B 40 -17.65 16.71 -13.10
N ARG B 41 -18.16 15.71 -13.82
CA ARG B 41 -19.05 14.74 -13.18
C ARG B 41 -18.29 13.62 -12.49
N TRP B 42 -18.87 13.06 -11.43
CA TRP B 42 -18.23 11.91 -10.80
C TRP B 42 -19.18 10.72 -10.80
N LYS B 43 -18.61 9.57 -10.48
CA LYS B 43 -19.37 8.32 -10.42
C LYS B 43 -19.03 7.64 -9.10
N PRO B 44 -19.93 6.78 -8.63
CA PRO B 44 -19.75 6.15 -7.34
C PRO B 44 -18.78 4.97 -7.41
N LYS B 45 -18.02 4.82 -6.31
CA LYS B 45 -17.13 3.65 -6.23
C LYS B 45 -16.97 3.36 -4.75
N MET B 46 -16.81 2.08 -4.46
CA MET B 46 -16.46 1.59 -3.16
C MET B 46 -15.05 0.98 -3.22
N ILE B 47 -14.25 1.30 -2.23
CA ILE B 47 -12.88 0.78 -2.14
C ILE B 47 -12.65 0.21 -0.75
N GLY B 48 -11.89 -0.87 -0.76
CA GLY B 48 -11.69 -1.68 0.42
C GLY B 48 -10.23 -1.77 0.74
N GLY B 49 -9.93 -1.90 2.02
CA GLY B 49 -8.59 -2.26 2.44
C GLY B 49 -8.62 -2.76 3.87
N ILE B 50 -7.51 -2.56 4.60
CA ILE B 50 -7.46 -3.08 5.96
C ILE B 50 -8.56 -2.68 6.88
C ILE B 50 -8.47 -2.22 6.69
N GLY B 51 -9.33 -1.62 7.02
N GLY B 51 -9.36 -2.70 7.56
CA GLY B 51 -10.27 -1.74 8.16
C GLY B 51 -11.69 -1.92 7.61
N GLY B 52 -11.80 -2.26 6.32
CA GLY B 52 -13.11 -2.31 5.67
C GLY B 52 -13.14 -1.43 4.42
N PHE B 53 -14.30 -0.93 4.09
CA PHE B 53 -14.59 -0.21 2.88
C PHE B 53 -14.98 1.23 3.16
N ILE B 54 -14.76 2.04 2.14
CA ILE B 54 -15.27 3.40 2.17
C ILE B 54 -15.89 3.76 0.81
N LYS B 55 -16.80 4.73 0.84
CA LYS B 55 -17.38 5.29 -0.39
C LYS B 55 -16.51 6.44 -0.88
N VAL B 56 -16.30 6.53 -2.21
CA VAL B 56 -15.50 7.62 -2.75
C VAL B 56 -16.18 8.16 -4.00
N ARG B 57 -15.70 9.31 -4.47
CA ARG B 57 -16.17 9.89 -5.72
C ARG B 57 -15.10 9.63 -6.77
N GLN B 58 -15.48 9.03 -7.91
CA GLN B 58 -14.54 8.78 -8.97
C GLN B 58 -14.59 9.84 -10.05
N TYR B 59 -13.47 10.53 -10.25
CA TYR B 59 -13.28 11.52 -11.30
C TYR B 59 -12.30 10.95 -12.33
N ASP B 60 -12.65 11.01 -13.61
CA ASP B 60 -11.79 10.47 -14.67
C ASP B 60 -11.02 11.58 -15.40
N GLN B 61 -9.89 11.22 -15.99
CA GLN B 61 -9.11 12.10 -16.85
C GLN B 61 -8.75 13.41 -16.16
N ILE B 62 -8.25 13.27 -14.91
CA ILE B 62 -7.75 14.39 -14.11
C ILE B 62 -6.25 14.53 -14.33
N ILE B 63 -5.81 15.77 -14.60
CA ILE B 63 -4.42 16.12 -14.74
C ILE B 63 -3.76 16.14 -13.36
N ILE B 64 -2.69 15.37 -13.19
CA ILE B 64 -2.03 15.30 -11.90
C ILE B 64 -0.54 15.15 -12.13
N GLU B 65 0.26 15.82 -11.33
CA GLU B 65 1.71 15.69 -11.41
C GLU B 65 2.18 14.89 -10.19
N ILE B 66 3.06 13.91 -10.38
CA ILE B 66 3.55 13.09 -9.28
C ILE B 66 5.07 13.19 -9.22
N ALA B 67 5.60 13.81 -8.18
CA ALA B 67 7.06 14.02 -8.11
C ALA B 67 7.56 14.62 -9.40
N GLY B 68 6.77 15.54 -9.99
CA GLY B 68 7.29 16.14 -11.21
C GLY B 68 6.95 15.40 -12.50
N HIS B 69 6.38 14.21 -12.44
CA HIS B 69 6.03 13.52 -13.68
C HIS B 69 4.56 13.69 -13.99
N LYS B 70 4.26 14.05 -15.22
CA LYS B 70 2.88 14.28 -15.67
C LYS B 70 2.11 13.00 -15.91
N ALA B 71 0.88 12.95 -15.40
CA ALA B 71 -0.11 11.90 -15.58
C ALA B 71 -1.51 12.53 -15.80
N ILE B 72 -2.35 11.71 -16.41
CA ILE B 72 -3.75 12.08 -16.62
C ILE B 72 -4.59 10.84 -16.43
N GLY B 73 -5.39 10.83 -15.36
CA GLY B 73 -6.06 9.56 -15.12
C GLY B 73 -7.11 9.68 -14.04
N THR B 74 -7.59 8.56 -13.51
CA THR B 74 -8.68 8.52 -12.58
C THR B 74 -8.19 8.81 -11.15
N VAL B 75 -8.87 9.72 -10.49
CA VAL B 75 -8.59 10.06 -9.11
C VAL B 75 -9.84 9.81 -8.27
N LEU B 76 -9.78 9.08 -7.18
CA LEU B 76 -10.85 8.87 -6.25
C LEU B 76 -10.74 9.86 -5.10
N VAL B 77 -11.84 10.44 -4.67
CA VAL B 77 -11.85 11.41 -3.58
C VAL B 77 -12.77 10.89 -2.50
N GLY B 78 -12.24 10.87 -1.26
CA GLY B 78 -13.10 10.52 -0.15
C GLY B 78 -12.35 10.47 1.15
N PRO B 79 -13.00 9.89 2.15
CA PRO B 79 -12.42 9.92 3.50
C PRO B 79 -11.32 8.91 3.72
N THR B 80 -10.29 8.94 2.89
CA THR B 80 -9.09 8.15 3.12
C THR B 80 -8.24 8.75 4.25
N PRO B 81 -7.59 7.93 5.06
CA PRO B 81 -6.67 8.45 6.10
C PRO B 81 -5.43 9.09 5.52
N ALA B 82 -5.15 8.85 4.24
CA ALA B 82 -3.95 9.40 3.63
C ALA B 82 -4.06 9.53 2.12
N ASN B 83 -3.39 10.52 1.52
CA ASN B 83 -3.35 10.57 0.06
C ASN B 83 -2.50 9.45 -0.51
N ILE B 84 -3.01 8.65 -1.44
CA ILE B 84 -2.32 7.47 -1.92
C ILE B 84 -2.26 7.48 -3.43
N ILE B 85 -1.05 7.28 -3.96
CA ILE B 85 -0.91 7.13 -5.44
C ILE B 85 -0.79 5.66 -5.73
N GLY B 86 -1.78 5.10 -6.44
CA GLY B 86 -1.81 3.67 -6.67
C GLY B 86 -1.34 3.29 -8.06
N ARG B 87 -1.48 2.00 -8.37
CA ARG B 87 -0.86 1.48 -9.58
C ARG B 87 -1.41 2.14 -10.84
N ASN B 88 -2.66 2.64 -10.84
CA ASN B 88 -3.14 3.27 -12.09
C ASN B 88 -2.25 4.42 -12.51
N LEU B 89 -1.75 5.20 -11.53
CA LEU B 89 -0.85 6.30 -11.89
C LEU B 89 0.63 5.93 -11.76
N LEU B 90 1.01 5.00 -10.90
CA LEU B 90 2.42 4.57 -10.87
C LEU B 90 2.82 3.99 -12.22
N THR B 91 1.94 3.25 -12.91
CA THR B 91 2.29 2.74 -14.23
C THR B 91 2.42 3.91 -15.22
N GLN B 92 1.61 4.94 -15.15
CA GLN B 92 1.74 6.11 -16.05
C GLN B 92 3.09 6.82 -15.89
N ILE B 93 3.68 6.83 -14.69
CA ILE B 93 4.97 7.50 -14.54
C ILE B 93 6.15 6.53 -14.65
N GLY B 94 5.88 5.29 -15.06
CA GLY B 94 6.86 4.27 -15.36
C GLY B 94 7.54 3.68 -14.14
N ALA B 95 6.84 3.63 -13.01
CA ALA B 95 7.46 3.11 -11.79
C ALA B 95 7.50 1.59 -11.75
N THR B 96 8.58 1.07 -11.18
CA THR B 96 8.78 -0.36 -10.99
C THR B 96 9.31 -0.59 -9.59
N LEU B 97 9.07 -1.80 -9.10
CA LEU B 97 9.74 -2.29 -7.89
C LEU B 97 10.96 -3.11 -8.27
N ASN B 98 12.07 -2.89 -7.54
CA ASN B 98 13.31 -3.58 -7.90
C ASN B 98 14.03 -4.08 -6.68
N PHE B 99 14.50 -5.34 -6.79
CA PHE B 99 15.34 -5.88 -5.75
C PHE B 99 16.21 -7.01 -6.30
N VAL C 1 -0.21 3.62 15.37
N VAL C 1 -14.81 -5.46 -5.55
CA VAL C 1 0.06 4.52 14.24
CA VAL C 1 -14.51 -4.03 -5.48
C VAL C 1 0.93 3.84 13.22
C VAL C 1 -13.01 -3.78 -5.31
N SER C 2 0.88 2.50 13.26
N SER C 2 -12.53 -2.76 -5.98
CA SER C 2 1.17 1.76 12.03
CA SER C 2 -11.18 -2.22 -5.87
C SER C 2 0.05 1.94 11.03
C SER C 2 -10.64 -2.27 -4.45
N PHE C 3 0.31 2.49 9.85
N PHE C 3 -9.33 -2.47 -4.31
CA PHE C 3 -0.71 2.56 8.78
CA PHE C 3 -8.72 -2.48 -2.98
C PHE C 3 -0.30 1.71 7.60
C PHE C 3 -7.50 -1.59 -2.94
N ASN C 4 -1.26 1.02 7.00
N ASN C 4 -7.31 -0.96 -1.78
CA ASN C 4 -1.01 -0.09 6.06
CA ASN C 4 -6.18 -0.09 -1.56
C ASN C 4 -2.06 -0.01 4.97
C ASN C 4 -5.65 -0.31 -0.14
N PRO C 6 -2.95 -1.55 1.74
N PRO C 6 -3.11 1.00 2.09
CA PRO C 6 -3.61 -2.24 0.62
CA PRO C 6 -2.13 1.72 2.88
C PRO C 6 -4.95 -1.59 0.27
C PRO C 6 -2.21 1.15 4.30
N GLN C 7 -5.19 -1.58 -1.04
N GLN C 7 -1.05 0.91 4.88
CA GLN C 7 -6.48 -1.01 -1.50
CA GLN C 7 -1.07 0.43 6.26
C GLN C 7 -6.90 -1.68 -2.79
C GLN C 7 -0.27 1.41 7.10
N ILE C 8 -8.18 -2.01 -2.89
N ILE C 8 -0.88 1.81 8.21
CA ILE C 8 -8.82 -2.52 -4.11
CA ILE C 8 -0.08 2.71 9.03
C ILE C 8 -10.20 -1.92 -4.30
C ILE C 8 0.16 2.04 10.38
N THR C 9 -10.77 -2.02 -5.50
N THR C 9 0.78 2.79 11.26
CA THR C 9 -12.16 -1.63 -5.70
CA THR C 9 1.13 2.55 12.64
C THR C 9 -13.03 -2.78 -5.23
C THR C 9 1.57 3.88 13.23
N ALA C 10 -13.97 -2.46 -4.36
N ALA C 10 0.72 4.76 13.69
CA ALA C 10 -14.80 -3.44 -3.68
CA ALA C 10 -0.70 4.84 13.94
C ALA C 10 -15.58 -4.30 -4.69
C ALA C 10 -1.18 3.65 14.77
#